data_2E3R
#
_entry.id   2E3R
#
_cell.length_a   46.459
_cell.length_b   50.134
_cell.length_c   62.652
_cell.angle_alpha   77.54
_cell.angle_beta   70.96
_cell.angle_gamma   81.85
#
_symmetry.space_group_name_H-M   'P 1'
#
loop_
_entity.id
_entity.type
_entity.pdbx_description
1 polymer 'Lipid-transfer protein CERT'
2 non-polymer N-((E,2S,3R)-1,3-DIHYDROXYOCTADEC-4-EN-2-YL)STEARAMIDE
3 water water
#
_entity_poly.entity_id   1
_entity_poly.type   'polypeptide(L)'
_entity_poly.pdbx_seq_one_letter_code
;SNSLHWPTSLPSGDAFSSVGTHRFVQKVEEMVQNHMTYSLQDVGGDANWQLVVEEGEMKVYRREVEENGIVLDPLKATHA
VKGVTGHEVCNYFWNVDVRNDWETTIENFHVVETLADNAIIIYQTHKRVWPASQRDVLYLSVIRKIPALTENDPETWIVC
NFSVDHDSAPLNNRCVRAKINVAMICQTLVSPPEGNQEISRDNILCKITYVANVNPGGWAPASVLRAVAKREYPKFLKRF
TSYVQEKTAGKPILF
;
_entity_poly.pdbx_strand_id   A,B
#
loop_
_chem_comp.id
_chem_comp.type
_chem_comp.name
_chem_comp.formula
18C non-polymer N-((E,2S,3R)-1,3-DIHYDROXYOCTADEC-4-EN-2-YL)STEARAMIDE 'C36 H71 N O3'
#
# COMPACT_ATOMS: atom_id res chain seq x y z
N THR A 21 -4.84 -0.31 24.62
CA THR A 21 -6.33 -0.35 24.67
C THR A 21 -7.00 0.92 24.14
N HIS A 22 -6.21 1.94 23.80
CA HIS A 22 -6.78 3.17 23.24
C HIS A 22 -7.44 2.89 21.88
N ARG A 23 -8.25 3.84 21.41
CA ARG A 23 -9.09 3.59 20.22
C ARG A 23 -8.34 3.43 18.91
N PHE A 24 -7.05 3.81 18.88
CA PHE A 24 -6.24 3.72 17.66
C PHE A 24 -5.31 2.49 17.63
N VAL A 25 -5.45 1.61 18.62
CA VAL A 25 -4.53 0.47 18.70
C VAL A 25 -4.48 -0.35 17.40
N GLN A 26 -5.64 -0.64 16.80
CA GLN A 26 -5.67 -1.43 15.57
C GLN A 26 -4.94 -0.72 14.41
N LYS A 27 -5.17 0.59 14.29
CA LYS A 27 -4.55 1.39 13.24
C LYS A 27 -3.03 1.49 13.46
N VAL A 28 -2.62 1.68 14.72
CA VAL A 28 -1.19 1.71 15.03
C VAL A 28 -0.48 0.41 14.61
N GLU A 29 -1.07 -0.73 14.95
CA GLU A 29 -0.47 -2.01 14.58
C GLU A 29 -0.35 -2.19 13.06
N GLU A 30 -1.38 -1.77 12.32
CA GLU A 30 -1.35 -1.77 10.86
C GLU A 30 -0.20 -0.92 10.31
N MET A 31 -0.08 0.30 10.83
CA MET A 31 0.92 1.23 10.31
C MET A 31 2.33 0.76 10.63
N VAL A 32 2.54 0.29 11.85
CA VAL A 32 3.83 -0.23 12.29
C VAL A 32 4.22 -1.48 11.50
N GLN A 33 3.27 -2.40 11.32
CA GLN A 33 3.58 -3.63 10.59
C GLN A 33 3.95 -3.34 9.13
N ASN A 34 3.24 -2.40 8.52
CA ASN A 34 3.50 -2.11 7.12
C ASN A 34 4.89 -1.50 6.97
N HIS A 35 5.33 -0.69 7.94
CA HIS A 35 6.69 -0.17 7.92
C HIS A 35 7.73 -1.27 8.08
N MET A 36 7.49 -2.16 9.01
CA MET A 36 8.45 -3.24 9.24
C MET A 36 8.51 -4.19 8.02
N THR A 37 7.40 -4.33 7.31
CA THR A 37 7.37 -5.16 6.09
C THR A 37 8.00 -4.51 4.87
N TYR A 38 7.76 -3.22 4.67
CA TYR A 38 8.09 -2.55 3.41
C TYR A 38 9.18 -1.47 3.48
N SER A 39 9.33 -0.83 4.63
CA SER A 39 10.22 0.35 4.70
C SER A 39 11.69 0.03 4.81
N LEU A 40 12.02 -1.21 5.18
CA LEU A 40 13.43 -1.61 5.33
C LEU A 40 14.06 -2.23 4.06
N GLN A 41 13.25 -2.41 3.02
CA GLN A 41 13.72 -2.98 1.76
C GLN A 41 14.72 -2.05 1.05
N ASP A 42 15.66 -2.62 0.31
CA ASP A 42 16.77 -1.85 -0.28
C ASP A 42 16.37 -1.09 -1.55
N VAL A 43 16.65 0.21 -1.55
CA VAL A 43 16.34 1.07 -2.70
C VAL A 43 17.63 1.52 -3.38
N TRP A 49 14.41 4.87 -7.70
CA TRP A 49 14.90 5.74 -6.62
C TRP A 49 16.17 6.47 -7.04
N GLN A 50 16.24 7.76 -6.75
CA GLN A 50 17.39 8.58 -7.09
C GLN A 50 18.07 9.07 -5.83
N LEU A 51 19.41 9.03 -5.82
CA LEU A 51 20.18 9.60 -4.72
C LEU A 51 20.10 11.13 -4.79
N VAL A 52 19.64 11.74 -3.71
CA VAL A 52 19.51 13.20 -3.63
C VAL A 52 20.83 13.77 -3.15
N VAL A 53 21.33 13.22 -2.03
CA VAL A 53 22.60 13.63 -1.47
C VAL A 53 23.19 12.51 -0.64
N GLU A 54 24.52 12.44 -0.66
CA GLU A 54 25.25 11.55 0.24
C GLU A 54 26.23 12.45 0.97
N GLU A 55 26.24 12.36 2.30
CA GLU A 55 27.21 13.11 3.09
C GLU A 55 27.57 12.26 4.31
N GLY A 56 28.83 11.83 4.35
CA GLY A 56 29.27 10.87 5.37
C GLY A 56 28.45 9.60 5.31
N GLU A 57 27.88 9.22 6.45
CA GLU A 57 27.10 7.99 6.55
C GLU A 57 25.63 8.20 6.15
N MET A 58 25.29 9.44 5.81
CA MET A 58 23.91 9.78 5.44
C MET A 58 23.64 9.70 3.94
N LYS A 59 22.63 8.93 3.56
CA LYS A 59 22.21 8.88 2.16
C LYS A 59 20.73 9.20 2.09
N VAL A 60 20.35 10.16 1.24
CA VAL A 60 18.93 10.54 1.09
C VAL A 60 18.49 10.20 -0.33
N TYR A 61 17.41 9.42 -0.45
CA TYR A 61 16.88 9.01 -1.74
C TYR A 61 15.46 9.54 -1.93
N ARG A 62 15.07 9.75 -3.17
CA ARG A 62 13.70 10.18 -3.48
C ARG A 62 13.22 9.48 -4.74
N ARG A 63 11.94 9.08 -4.76
CA ARG A 63 11.29 8.63 -5.99
C ARG A 63 10.39 9.74 -6.45
N GLU A 64 10.56 10.16 -7.70
CA GLU A 64 9.72 11.19 -8.29
C GLU A 64 8.32 10.61 -8.57
N VAL A 65 7.28 11.13 -7.90
CA VAL A 65 5.90 10.67 -8.14
C VAL A 65 4.94 11.85 -8.10
N GLU A 66 4.25 12.12 -9.22
CA GLU A 66 3.17 13.10 -9.27
C GLU A 66 1.91 12.29 -9.60
N GLU A 67 0.85 12.45 -8.80
CA GLU A 67 -0.42 11.73 -8.97
C GLU A 67 -1.52 12.76 -9.14
N ASN A 68 -2.13 12.82 -10.33
CA ASN A 68 -3.17 13.81 -10.60
C ASN A 68 -2.67 15.24 -10.31
N GLY A 69 -1.40 15.46 -10.61
CA GLY A 69 -0.76 16.78 -10.46
C GLY A 69 -0.19 17.06 -9.08
N ILE A 70 -0.53 16.19 -8.11
CA ILE A 70 -0.08 16.32 -6.72
C ILE A 70 1.26 15.62 -6.51
N VAL A 71 2.27 16.35 -6.05
CA VAL A 71 3.61 15.77 -5.87
C VAL A 71 3.63 14.99 -4.58
N LEU A 72 3.83 13.67 -4.70
CA LEU A 72 3.85 12.77 -3.55
C LEU A 72 5.26 12.27 -3.19
N ASP A 73 6.21 12.45 -4.10
CA ASP A 73 7.63 12.04 -3.97
C ASP A 73 8.03 11.33 -2.66
N PRO A 74 7.91 9.99 -2.62
CA PRO A 74 8.41 9.22 -1.46
C PRO A 74 9.88 9.55 -1.17
N LEU A 75 10.19 9.69 0.11
CA LEU A 75 11.54 9.98 0.55
C LEU A 75 12.02 8.84 1.46
N LYS A 76 13.27 8.41 1.26
CA LYS A 76 13.85 7.41 2.16
C LYS A 76 15.30 7.79 2.41
N ALA A 77 15.70 7.79 3.67
CA ALA A 77 17.06 8.11 4.00
C ALA A 77 17.61 7.04 4.91
N THR A 78 18.92 6.87 4.85
CA THR A 78 19.56 5.99 5.81
C THR A 78 20.72 6.75 6.45
N HIS A 79 21.06 6.36 7.67
CA HIS A 79 22.19 7.00 8.34
C HIS A 79 22.77 5.97 9.30
N ALA A 80 24.02 6.16 9.69
CA ALA A 80 24.65 5.28 10.67
C ALA A 80 25.35 6.25 11.62
N VAL A 81 24.84 6.32 12.85
CA VAL A 81 25.21 7.37 13.79
C VAL A 81 25.97 6.76 14.96
N LYS A 82 27.23 7.17 15.11
CA LYS A 82 28.07 6.63 16.18
C LYS A 82 27.64 7.13 17.54
N GLY A 83 27.69 6.25 18.54
CA GLY A 83 27.59 6.63 19.93
C GLY A 83 26.22 6.83 20.54
N VAL A 84 25.17 6.41 19.82
CA VAL A 84 23.82 6.52 20.33
C VAL A 84 23.13 5.18 20.07
N THR A 85 22.09 4.87 20.86
CA THR A 85 21.32 3.66 20.62
C THR A 85 20.01 3.99 19.92
N GLY A 86 19.38 2.96 19.34
CA GLY A 86 18.06 3.12 18.74
C GLY A 86 17.04 3.63 19.72
N HIS A 87 17.10 3.15 20.97
CA HIS A 87 16.17 3.59 21.99
C HIS A 87 16.32 5.10 22.24
N GLU A 88 17.57 5.57 22.34
CA GLU A 88 17.84 6.97 22.51
C GLU A 88 17.33 7.81 21.33
N VAL A 89 17.69 7.40 20.12
CA VAL A 89 17.30 8.15 18.92
C VAL A 89 15.78 8.26 18.86
N CYS A 90 15.10 7.14 19.02
CA CYS A 90 13.64 7.19 19.02
C CYS A 90 13.00 8.04 20.14
N ASN A 91 13.52 7.94 21.36
CA ASN A 91 13.04 8.80 22.44
C ASN A 91 13.14 10.28 22.06
N TYR A 92 14.27 10.69 21.48
CA TYR A 92 14.49 12.11 21.14
C TYR A 92 13.64 12.56 19.96
N PHE A 93 13.40 11.66 19.02
CA PHE A 93 12.53 12.00 17.88
C PHE A 93 11.07 12.15 18.32
N TRP A 94 10.65 11.34 19.30
CA TRP A 94 9.25 11.28 19.75
C TRP A 94 8.91 12.35 20.79
N ASN A 95 9.87 12.67 21.66
CA ASN A 95 9.61 13.49 22.84
C ASN A 95 9.34 14.96 22.48
N VAL A 96 8.11 15.40 22.68
CA VAL A 96 7.75 16.78 22.27
C VAL A 96 8.47 17.86 23.08
N ASP A 97 8.96 17.49 24.26
CA ASP A 97 9.66 18.46 25.12
C ASP A 97 10.99 18.98 24.53
N VAL A 98 11.60 18.20 23.62
CA VAL A 98 12.83 18.63 22.97
C VAL A 98 12.65 19.01 21.48
N ARG A 99 11.40 18.97 21.02
CA ARG A 99 11.10 19.21 19.61
C ARG A 99 11.71 20.51 19.10
N ASN A 100 11.53 21.61 19.85
CA ASN A 100 12.00 22.91 19.37
C ASN A 100 13.51 23.03 19.39
N ASP A 101 14.20 22.12 20.09
CA ASP A 101 15.66 22.09 20.06
C ASP A 101 16.24 21.69 18.71
N TRP A 102 15.51 20.91 17.92
CA TRP A 102 16.04 20.48 16.62
C TRP A 102 15.20 20.77 15.40
N GLU A 103 13.89 20.87 15.57
CA GLU A 103 12.96 21.02 14.42
C GLU A 103 12.97 22.48 13.96
N THR A 104 13.04 22.70 12.66
CA THR A 104 13.11 24.07 12.15
C THR A 104 12.03 24.39 11.12
N THR A 105 11.13 23.44 10.85
CA THR A 105 10.11 23.68 9.80
C THR A 105 8.71 24.00 10.30
N ILE A 106 8.55 24.17 11.63
CA ILE A 106 7.23 24.43 12.21
C ILE A 106 7.09 25.84 12.79
N GLU A 107 5.89 26.39 12.65
CA GLU A 107 5.56 27.67 13.23
C GLU A 107 5.09 27.46 14.67
N ASN A 108 4.22 26.48 14.86
CA ASN A 108 3.53 26.24 16.10
C ASN A 108 3.13 24.78 16.16
N PHE A 109 3.10 24.20 17.37
CA PHE A 109 2.49 22.88 17.55
C PHE A 109 1.97 22.69 18.95
N HIS A 110 1.02 21.77 19.10
CA HIS A 110 0.57 21.37 20.44
C HIS A 110 0.06 19.93 20.45
N VAL A 111 0.12 19.31 21.63
CA VAL A 111 -0.44 17.98 21.81
C VAL A 111 -1.95 18.09 22.01
N VAL A 112 -2.67 17.51 21.06
CA VAL A 112 -4.13 17.49 21.07
C VAL A 112 -4.66 16.51 22.14
N GLU A 113 -4.04 15.34 22.20
CA GLU A 113 -4.50 14.26 23.06
C GLU A 113 -3.36 13.31 23.38
N THR A 114 -3.31 12.85 24.62
CA THR A 114 -2.44 11.76 24.99
C THR A 114 -3.26 10.49 25.03
N LEU A 115 -2.90 9.52 24.20
CA LEU A 115 -3.63 8.26 24.09
C LEU A 115 -3.09 7.19 25.03
N ALA A 116 -1.78 7.23 25.24
CA ALA A 116 -1.05 6.24 26.03
C ALA A 116 0.33 6.82 26.37
N ASP A 117 1.09 6.13 27.22
CA ASP A 117 2.42 6.61 27.54
C ASP A 117 3.35 6.70 26.32
N ASN A 118 2.99 6.01 25.24
CA ASN A 118 3.83 5.95 24.04
C ASN A 118 3.10 6.46 22.80
N ALA A 119 1.98 7.15 23.00
CA ALA A 119 1.16 7.53 21.85
C ALA A 119 0.42 8.84 22.07
N ILE A 120 0.64 9.80 21.18
CA ILE A 120 0.00 11.11 21.33
C ILE A 120 -0.50 11.58 19.98
N ILE A 121 -1.42 12.56 19.99
CA ILE A 121 -1.89 13.19 18.74
C ILE A 121 -1.43 14.63 18.78
N ILE A 122 -0.78 15.07 17.70
CA ILE A 122 -0.15 16.40 17.65
C ILE A 122 -0.77 17.17 16.50
N TYR A 123 -1.07 18.44 16.74
CA TYR A 123 -1.41 19.38 15.69
C TYR A 123 -0.26 20.34 15.48
N GLN A 124 0.11 20.60 14.24
CA GLN A 124 1.17 21.55 13.99
C GLN A 124 0.98 22.28 12.67
N THR A 125 1.45 23.51 12.66
CA THR A 125 1.42 24.33 11.45
C THR A 125 2.86 24.50 11.00
N HIS A 126 3.06 24.59 9.69
CA HIS A 126 4.39 24.64 9.17
C HIS A 126 4.73 26.01 8.62
N LYS A 127 6.02 26.28 8.49
CA LYS A 127 6.45 27.53 7.86
C LYS A 127 5.81 27.61 6.47
N ARG A 128 5.36 28.80 6.09
CA ARG A 128 4.77 28.99 4.78
C ARG A 128 5.87 29.12 3.72
N VAL A 129 5.67 28.44 2.59
CA VAL A 129 6.55 28.53 1.44
C VAL A 129 5.76 29.12 0.27
N TRP A 130 6.13 30.32 -0.12
CA TRP A 130 5.51 31.02 -1.26
C TRP A 130 5.72 30.18 -2.53
N PRO A 131 4.74 30.14 -3.44
CA PRO A 131 3.45 30.83 -3.42
C PRO A 131 2.28 30.01 -2.88
N ALA A 132 2.56 28.86 -2.27
CA ALA A 132 1.50 27.97 -1.83
C ALA A 132 0.96 28.38 -0.47
N SER A 133 -0.28 27.94 -0.18
CA SER A 133 -0.87 28.14 1.14
C SER A 133 -0.04 27.45 2.21
N GLN A 134 -0.12 27.98 3.42
CA GLN A 134 0.53 27.35 4.57
C GLN A 134 -0.10 25.98 4.79
N ARG A 135 0.73 25.00 5.15
CA ARG A 135 0.26 23.67 5.49
C ARG A 135 0.16 23.45 7.00
N ASP A 136 -0.85 22.70 7.38
CA ASP A 136 -0.91 22.14 8.75
C ASP A 136 -1.05 20.63 8.68
N VAL A 137 -0.85 19.98 9.82
CA VAL A 137 -0.86 18.51 9.85
C VAL A 137 -1.39 18.07 11.21
N LEU A 138 -2.11 16.96 11.23
CA LEU A 138 -2.67 16.45 12.47
C LEU A 138 -2.39 14.97 12.49
N TYR A 139 -1.52 14.54 13.40
CA TYR A 139 -1.03 13.17 13.32
C TYR A 139 -0.89 12.48 14.66
N LEU A 140 -1.03 11.16 14.63
CA LEU A 140 -0.71 10.31 15.77
C LEU A 140 0.76 9.98 15.69
N SER A 141 1.47 10.13 16.83
CA SER A 141 2.89 9.84 16.92
C SER A 141 3.06 8.76 17.98
N VAL A 142 3.57 7.62 17.55
CA VAL A 142 3.70 6.47 18.46
C VAL A 142 5.14 5.96 18.45
N ILE A 143 5.62 5.54 19.61
CA ILE A 143 6.95 4.96 19.72
C ILE A 143 6.80 3.54 20.21
N ARG A 144 7.41 2.61 19.49
CA ARG A 144 7.29 1.20 19.80
C ARG A 144 8.62 0.46 19.75
N LYS A 145 8.80 -0.44 20.73
CA LYS A 145 9.90 -1.38 20.74
C LYS A 145 9.41 -2.66 20.08
N ILE A 146 10.19 -3.14 19.11
CA ILE A 146 9.89 -4.40 18.43
C ILE A 146 10.96 -5.44 18.81
N PRO A 147 10.63 -6.35 19.75
CA PRO A 147 11.61 -7.34 20.18
C PRO A 147 12.15 -8.18 19.04
N ALA A 148 13.42 -8.61 19.20
CA ALA A 148 14.00 -9.63 18.34
C ALA A 148 13.31 -10.97 18.66
N LEU A 149 13.63 -12.01 17.89
CA LEU A 149 13.09 -13.35 18.15
C LEU A 149 13.41 -13.81 19.58
N THR A 150 14.65 -13.58 20.00
CA THR A 150 15.05 -13.77 21.39
C THR A 150 15.94 -12.60 21.83
N GLU A 151 16.17 -12.51 23.14
CA GLU A 151 16.97 -11.42 23.71
C GLU A 151 18.46 -11.56 23.42
N ASN A 152 18.83 -12.60 22.69
CA ASN A 152 20.17 -12.76 22.12
C ASN A 152 20.50 -11.59 21.21
N ASP A 153 19.47 -11.06 20.55
CA ASP A 153 19.63 -10.02 19.53
C ASP A 153 18.94 -8.70 19.92
N PRO A 154 19.41 -7.58 19.34
CA PRO A 154 18.83 -6.28 19.66
C PRO A 154 17.43 -6.08 19.08
N GLU A 155 16.58 -5.46 19.89
CA GLU A 155 15.28 -4.98 19.46
C GLU A 155 15.44 -3.84 18.46
N THR A 156 14.39 -3.61 17.68
CA THR A 156 14.31 -2.46 16.80
C THR A 156 13.34 -1.47 17.45
N TRP A 157 13.65 -0.18 17.36
CA TRP A 157 12.73 0.84 17.85
C TRP A 157 12.16 1.57 16.65
N ILE A 158 10.90 1.95 16.73
CA ILE A 158 10.29 2.69 15.62
C ILE A 158 9.45 3.82 16.19
N VAL A 159 9.48 4.97 15.51
CA VAL A 159 8.51 6.02 15.77
C VAL A 159 7.74 6.17 14.47
N CYS A 160 6.42 6.07 14.55
CA CYS A 160 5.58 6.30 13.37
C CYS A 160 4.69 7.50 13.61
N ASN A 161 4.68 8.44 12.66
CA ASN A 161 3.82 9.62 12.69
C ASN A 161 2.86 9.51 11.51
N PHE A 162 1.56 9.40 11.77
CA PHE A 162 0.63 9.27 10.63
C PHE A 162 -0.65 10.06 10.86
N SER A 163 -1.17 10.64 9.79
CA SER A 163 -2.34 11.51 9.91
C SER A 163 -3.58 10.78 10.41
N VAL A 164 -4.31 11.47 11.29
CA VAL A 164 -5.59 11.01 11.82
C VAL A 164 -6.56 12.17 11.89
N ASP A 165 -7.84 11.84 12.09
CA ASP A 165 -8.86 12.83 12.35
C ASP A 165 -9.08 13.02 13.84
N HIS A 166 -9.38 14.26 14.24
CA HIS A 166 -9.72 14.57 15.64
C HIS A 166 -10.61 15.78 15.67
N ASP A 167 -11.71 15.70 16.43
CA ASP A 167 -12.70 16.78 16.43
C ASP A 167 -12.20 18.10 17.05
N SER A 168 -11.13 18.04 17.85
CA SER A 168 -10.54 19.24 18.44
C SER A 168 -9.60 19.95 17.47
N ALA A 169 -9.40 19.37 16.28
CA ALA A 169 -8.54 20.00 15.27
C ALA A 169 -9.18 19.85 13.89
N PRO A 170 -10.30 20.57 13.68
CA PRO A 170 -11.06 20.46 12.43
C PRO A 170 -10.26 20.98 11.23
N LEU A 171 -10.56 20.47 10.04
CA LEU A 171 -10.07 21.11 8.82
C LEU A 171 -10.49 22.56 8.88
N ASN A 172 -9.57 23.44 8.48
CA ASN A 172 -9.86 24.87 8.50
C ASN A 172 -9.61 25.53 7.15
N ASN A 173 -9.98 26.81 7.04
CA ASN A 173 -9.87 27.54 5.79
C ASN A 173 -8.59 28.34 5.61
N ARG A 174 -7.73 28.34 6.63
CA ARG A 174 -6.49 29.14 6.59
C ARG A 174 -5.24 28.34 6.20
N CYS A 175 -5.30 27.03 6.34
CA CYS A 175 -4.18 26.15 5.99
C CYS A 175 -4.71 25.00 5.15
N VAL A 176 -3.82 24.45 4.31
CA VAL A 176 -4.13 23.21 3.58
C VAL A 176 -3.60 22.07 4.45
N ARG A 177 -4.45 21.08 4.69
CA ARG A 177 -4.14 19.98 5.59
C ARG A 177 -3.35 18.91 4.84
N ALA A 178 -2.05 18.82 5.15
CA ALA A 178 -1.20 17.76 4.59
C ALA A 178 -1.59 16.43 5.21
N LYS A 179 -1.30 15.34 4.50
CA LYS A 179 -1.51 13.99 5.04
C LYS A 179 -0.16 13.27 5.01
N ILE A 180 0.26 12.75 6.15
CA ILE A 180 1.60 12.16 6.25
C ILE A 180 1.60 10.73 6.77
N ASN A 181 2.65 10.02 6.36
CA ASN A 181 3.03 8.75 6.94
C ASN A 181 4.53 8.76 6.98
N VAL A 182 5.08 8.94 8.18
CA VAL A 182 6.52 9.09 8.39
C VAL A 182 6.93 8.03 9.41
N ALA A 183 8.11 7.44 9.23
CA ALA A 183 8.64 6.57 10.28
C ALA A 183 10.13 6.72 10.40
N MET A 184 10.61 6.54 11.62
CA MET A 184 12.03 6.49 11.90
C MET A 184 12.27 5.14 12.57
N ILE A 185 13.06 4.31 11.90
CA ILE A 185 13.27 2.92 12.33
C ILE A 185 14.74 2.73 12.69
N CYS A 186 15.03 2.27 13.90
CA CYS A 186 16.38 2.35 14.40
C CYS A 186 16.88 1.00 14.89
N GLN A 187 18.02 0.57 14.37
CA GLN A 187 18.64 -0.69 14.77
C GLN A 187 19.94 -0.36 15.48
N THR A 188 20.32 -1.14 16.49
CA THR A 188 21.47 -0.79 17.31
C THR A 188 22.49 -1.89 17.14
N LEU A 189 23.72 -1.49 16.80
CA LEU A 189 24.81 -2.45 16.58
C LEU A 189 25.90 -2.16 17.61
N VAL A 190 26.28 -3.18 18.39
CA VAL A 190 27.31 -2.99 19.41
C VAL A 190 28.60 -3.78 19.10
N GLU A 194 34.86 -6.96 25.58
CA GLU A 194 35.98 -7.83 25.96
C GLU A 194 35.92 -8.12 27.47
N GLY A 195 35.98 -9.40 27.83
CA GLY A 195 35.94 -9.82 29.23
C GLY A 195 34.89 -9.14 30.09
N ASN A 196 35.35 -8.55 31.19
CA ASN A 196 34.48 -7.93 32.21
C ASN A 196 34.22 -6.46 31.96
N GLN A 197 34.62 -5.96 30.79
CA GLN A 197 34.63 -4.51 30.53
C GLN A 197 33.24 -3.98 30.24
N GLU A 198 33.10 -2.67 30.42
CA GLU A 198 31.87 -1.94 30.14
C GLU A 198 31.81 -1.58 28.65
N ILE A 199 30.60 -1.51 28.09
CA ILE A 199 30.41 -1.02 26.72
C ILE A 199 30.56 0.49 26.70
N SER A 200 31.34 0.99 25.74
CA SER A 200 31.55 2.42 25.60
C SER A 200 30.76 2.91 24.41
N ARG A 201 30.31 4.17 24.46
CA ARG A 201 29.67 4.78 23.29
C ARG A 201 30.46 4.68 21.98
N ASP A 202 31.80 4.65 22.05
CA ASP A 202 32.59 4.55 20.82
C ASP A 202 32.39 3.26 20.05
N ASN A 203 31.81 2.24 20.70
CA ASN A 203 31.64 0.95 20.06
C ASN A 203 30.18 0.63 19.75
N ILE A 204 29.34 1.66 19.79
CA ILE A 204 27.93 1.51 19.41
C ILE A 204 27.66 2.30 18.14
N LEU A 205 26.81 1.73 17.29
CA LEU A 205 26.40 2.35 16.05
C LEU A 205 24.89 2.21 15.94
N CYS A 206 24.21 3.29 15.58
CA CYS A 206 22.75 3.21 15.37
C CYS A 206 22.47 3.36 13.89
N LYS A 207 21.86 2.34 13.30
CA LYS A 207 21.52 2.40 11.89
C LYS A 207 20.07 2.86 11.78
N ILE A 208 19.88 3.97 11.08
CA ILE A 208 18.58 4.60 11.00
C ILE A 208 18.07 4.52 9.58
N THR A 209 16.80 4.16 9.46
CA THR A 209 16.07 4.29 8.20
C THR A 209 14.92 5.26 8.47
N TYR A 210 14.81 6.30 7.68
CA TYR A 210 13.78 7.31 7.86
C TYR A 210 13.00 7.34 6.57
N VAL A 211 11.69 7.17 6.64
CA VAL A 211 10.85 7.27 5.45
C VAL A 211 9.77 8.33 5.65
N ALA A 212 9.51 9.07 4.58
CA ALA A 212 8.49 10.09 4.62
C ALA A 212 7.68 10.06 3.32
N ASN A 213 6.37 9.83 3.49
CA ASN A 213 5.42 9.90 2.40
C ASN A 213 4.40 10.97 2.74
N VAL A 214 4.56 12.12 2.09
CA VAL A 214 3.81 13.34 2.43
C VAL A 214 2.92 13.69 1.24
N ASN A 215 1.63 13.79 1.49
CA ASN A 215 0.70 14.31 0.50
C ASN A 215 0.44 15.76 0.91
N PRO A 216 0.86 16.72 0.07
CA PRO A 216 0.73 18.14 0.44
C PRO A 216 -0.71 18.60 0.65
N GLY A 217 -1.69 17.78 0.27
CA GLY A 217 -3.11 18.02 0.62
C GLY A 217 -3.86 18.89 -0.37
N GLY A 218 -3.17 19.30 -1.42
CA GLY A 218 -3.77 20.13 -2.43
C GLY A 218 -2.66 20.51 -3.37
N TRP A 219 -2.98 21.38 -4.32
CA TRP A 219 -1.99 21.83 -5.29
C TRP A 219 -0.82 22.61 -4.69
N ALA A 220 0.36 22.30 -5.19
CA ALA A 220 1.58 23.03 -4.84
C ALA A 220 2.46 22.93 -6.06
N PRO A 221 3.18 24.02 -6.42
CA PRO A 221 4.02 23.94 -7.63
C PRO A 221 5.15 22.95 -7.42
N ALA A 222 5.27 22.01 -8.35
CA ALA A 222 6.22 20.91 -8.21
C ALA A 222 7.68 21.35 -8.01
N SER A 223 8.13 22.33 -8.80
CA SER A 223 9.53 22.76 -8.75
C SER A 223 9.89 23.34 -7.37
N VAL A 224 8.95 24.11 -6.83
CA VAL A 224 9.11 24.78 -5.53
C VAL A 224 9.19 23.72 -4.44
N LEU A 225 8.17 22.87 -4.40
CA LEU A 225 8.08 21.78 -3.42
C LEU A 225 9.33 20.89 -3.43
N ARG A 226 9.79 20.52 -4.62
CA ARG A 226 10.90 19.59 -4.73
C ARG A 226 12.20 20.21 -4.24
N ALA A 227 12.37 21.51 -4.51
CA ALA A 227 13.55 22.24 -4.02
C ALA A 227 13.56 22.33 -2.48
N VAL A 228 12.40 22.55 -1.89
CA VAL A 228 12.27 22.60 -0.43
C VAL A 228 12.66 21.24 0.17
N ALA A 229 12.10 20.17 -0.38
CA ALA A 229 12.38 18.83 0.14
C ALA A 229 13.86 18.50 0.04
N LYS A 230 14.46 18.88 -1.09
CA LYS A 230 15.87 18.54 -1.36
C LYS A 230 16.76 19.20 -0.30
N ARG A 231 16.35 20.39 0.14
CA ARG A 231 17.11 21.14 1.12
C ARG A 231 16.82 20.68 2.55
N GLU A 232 15.54 20.55 2.87
CA GLU A 232 15.05 20.37 4.25
C GLU A 232 15.26 18.98 4.82
N TYR A 233 15.07 17.93 4.02
CA TYR A 233 15.27 16.58 4.59
C TYR A 233 16.71 16.30 5.07
N PRO A 234 17.73 16.54 4.21
CA PRO A 234 19.10 16.32 4.71
C PRO A 234 19.48 17.27 5.85
N LYS A 235 18.98 18.51 5.79
CA LYS A 235 19.19 19.47 6.88
C LYS A 235 18.71 18.91 8.21
N PHE A 236 17.49 18.36 8.19
CA PHE A 236 16.86 17.77 9.37
C PHE A 236 17.67 16.58 9.86
N LEU A 237 18.03 15.68 8.97
CA LEU A 237 18.65 14.44 9.43
C LEU A 237 19.99 14.74 10.08
N LYS A 238 20.76 15.65 9.49
CA LYS A 238 22.04 16.10 10.07
C LYS A 238 21.86 16.74 11.43
N ARG A 239 20.92 17.67 11.52
CA ARG A 239 20.70 18.45 12.72
C ARG A 239 20.17 17.58 13.83
N PHE A 240 19.19 16.75 13.49
CA PHE A 240 18.58 15.90 14.49
C PHE A 240 19.60 14.88 15.03
N THR A 241 20.31 14.19 14.16
CA THR A 241 21.26 13.14 14.62
C THR A 241 22.40 13.75 15.46
N SER A 242 22.89 14.90 15.01
CA SER A 242 23.91 15.66 15.79
C SER A 242 23.41 16.05 17.16
N TYR A 243 22.15 16.48 17.23
CA TYR A 243 21.52 16.83 18.49
C TYR A 243 21.55 15.65 19.46
N VAL A 244 21.13 14.48 19.00
CA VAL A 244 21.05 13.33 19.90
C VAL A 244 22.45 12.96 20.42
N GLN A 245 23.42 13.03 19.52
CA GLN A 245 24.82 12.71 19.86
C GLN A 245 25.31 13.67 20.94
N GLU A 246 25.03 14.95 20.74
CA GLU A 246 25.41 15.97 21.74
C GLU A 246 24.76 15.78 23.09
N LYS A 247 23.46 15.48 23.11
CA LYS A 247 22.71 15.37 24.36
C LYS A 247 22.99 14.07 25.14
N THR A 248 23.44 13.03 24.43
CA THR A 248 23.69 11.76 25.09
C THR A 248 25.14 11.60 25.49
N ALA A 249 26.02 12.42 24.90
CA ALA A 249 27.45 12.33 25.20
C ALA A 249 27.67 12.43 26.71
N GLY A 250 28.43 11.48 27.25
CA GLY A 250 28.75 11.47 28.67
C GLY A 250 27.61 11.12 29.61
N LYS A 251 26.48 10.67 29.06
CA LYS A 251 25.36 10.18 29.86
C LYS A 251 25.41 8.65 29.81
N PRO A 252 24.87 7.97 30.85
CA PRO A 252 24.87 6.50 30.83
C PRO A 252 24.02 6.06 29.64
N ILE A 253 24.43 4.96 29.01
CA ILE A 253 23.74 4.48 27.81
C ILE A 253 22.36 3.89 28.12
N LEU A 254 21.34 4.35 27.38
CA LEU A 254 20.02 3.77 27.49
C LEU A 254 19.83 2.85 26.31
N PHE A 255 19.87 1.55 26.60
CA PHE A 255 19.66 0.51 25.60
C PHE A 255 18.18 0.23 25.38
N HIS B 22 5.75 -24.28 -3.44
CA HIS B 22 6.44 -23.66 -4.61
C HIS B 22 7.13 -22.33 -4.24
N ARG B 23 7.90 -21.76 -5.16
CA ARG B 23 8.74 -20.57 -4.88
C ARG B 23 7.96 -19.26 -4.65
N PHE B 24 6.68 -19.26 -5.03
CA PHE B 24 5.85 -18.07 -4.89
C PHE B 24 4.91 -18.10 -3.67
N VAL B 25 5.07 -19.08 -2.78
CA VAL B 25 4.14 -19.23 -1.67
C VAL B 25 4.06 -17.98 -0.78
N GLN B 26 5.22 -17.41 -0.45
CA GLN B 26 5.26 -16.22 0.40
C GLN B 26 4.58 -15.02 -0.28
N LYS B 27 4.84 -14.87 -1.58
CA LYS B 27 4.31 -13.75 -2.33
C LYS B 27 2.80 -13.87 -2.48
N VAL B 28 2.31 -15.09 -2.75
CA VAL B 28 0.87 -15.35 -2.80
C VAL B 28 0.22 -14.94 -1.48
N GLU B 29 0.80 -15.37 -0.37
CA GLU B 29 0.26 -15.01 0.93
C GLU B 29 0.18 -13.50 1.14
N GLU B 30 1.23 -12.78 0.75
CA GLU B 30 1.25 -11.31 0.86
C GLU B 30 0.12 -10.69 0.03
N MET B 31 -0.02 -11.14 -1.21
CA MET B 31 -1.03 -10.58 -2.11
C MET B 31 -2.45 -10.88 -1.62
N VAL B 32 -2.70 -12.13 -1.23
CA VAL B 32 -4.01 -12.52 -0.75
C VAL B 32 -4.40 -11.75 0.51
N GLN B 33 -3.46 -11.63 1.45
CA GLN B 33 -3.75 -10.96 2.71
C GLN B 33 -3.98 -9.47 2.50
N ASN B 34 -3.20 -8.86 1.60
CA ASN B 34 -3.46 -7.46 1.28
C ASN B 34 -4.86 -7.27 0.68
N HIS B 35 -5.31 -8.18 -0.19
CA HIS B 35 -6.69 -8.06 -0.67
C HIS B 35 -7.74 -8.24 0.42
N MET B 36 -7.53 -9.23 1.28
CA MET B 36 -8.52 -9.45 2.33
C MET B 36 -8.62 -8.28 3.31
N THR B 37 -7.49 -7.61 3.54
CA THR B 37 -7.41 -6.45 4.43
C THR B 37 -8.03 -5.22 3.78
N TYR B 38 -7.63 -4.94 2.54
CA TYR B 38 -7.93 -3.64 1.95
C TYR B 38 -9.04 -3.64 0.90
N SER B 39 -9.17 -4.73 0.16
CA SER B 39 -10.09 -4.70 -0.99
C SER B 39 -11.54 -4.80 -0.57
N LEU B 40 -11.79 -5.25 0.65
CA LEU B 40 -13.15 -5.38 1.15
C LEU B 40 -13.65 -4.13 1.91
N GLN B 41 -12.75 -3.18 2.16
CA GLN B 41 -13.09 -1.93 2.86
C GLN B 41 -13.94 -1.07 1.97
N ASP B 42 -15.07 -0.60 2.50
CA ASP B 42 -15.96 0.29 1.75
C ASP B 42 -15.40 1.70 1.73
N GLY B 45 -17.54 6.78 0.96
CA GLY B 45 -17.42 8.12 1.55
C GLY B 45 -16.45 9.01 0.80
N ASP B 46 -15.67 8.43 -0.10
CA ASP B 46 -14.69 9.13 -0.89
C ASP B 46 -15.31 9.50 -2.25
N ALA B 47 -15.56 10.79 -2.49
CA ALA B 47 -16.20 11.24 -3.74
C ALA B 47 -15.38 10.93 -4.99
N ASN B 48 -14.07 10.80 -4.80
CA ASN B 48 -13.14 10.42 -5.87
C ASN B 48 -13.36 9.02 -6.45
N TRP B 49 -13.95 8.13 -5.65
CA TRP B 49 -14.41 6.83 -6.13
C TRP B 49 -15.79 6.96 -6.75
N GLN B 50 -15.83 7.20 -8.06
CA GLN B 50 -17.06 7.50 -8.75
C GLN B 50 -17.75 6.25 -9.21
N LEU B 51 -19.07 6.20 -9.00
CA LEU B 51 -19.91 5.14 -9.55
C LEU B 51 -20.09 5.45 -11.02
N VAL B 52 -19.53 4.61 -11.89
CA VAL B 52 -19.56 4.91 -13.32
C VAL B 52 -20.57 4.07 -14.10
N VAL B 53 -20.91 2.88 -13.58
CA VAL B 53 -21.90 2.01 -14.19
C VAL B 53 -22.71 1.37 -13.07
N GLU B 54 -24.04 1.40 -13.20
CA GLU B 54 -24.90 0.65 -12.31
C GLU B 54 -25.97 -0.02 -13.14
N GLU B 55 -26.09 -1.34 -12.99
CA GLU B 55 -27.12 -2.08 -13.68
C GLU B 55 -27.60 -3.20 -12.77
N GLY B 56 -28.82 -3.06 -12.24
CA GLY B 56 -29.35 -3.98 -11.24
C GLY B 56 -28.45 -4.05 -10.03
N GLU B 57 -28.00 -5.27 -9.72
CA GLU B 57 -27.16 -5.49 -8.54
C GLU B 57 -25.67 -5.24 -8.81
N MET B 58 -25.34 -4.92 -10.07
CA MET B 58 -23.94 -4.67 -10.44
C MET B 58 -23.60 -3.19 -10.30
N LYS B 59 -22.54 -2.91 -9.54
CA LYS B 59 -22.07 -1.53 -9.37
C LYS B 59 -20.60 -1.47 -9.71
N VAL B 60 -20.21 -0.55 -10.61
CA VAL B 60 -18.81 -0.44 -10.99
C VAL B 60 -18.30 0.94 -10.62
N TYR B 61 -17.20 0.98 -9.88
CA TYR B 61 -16.62 2.24 -9.38
C TYR B 61 -15.21 2.41 -9.95
N ARG B 62 -14.81 3.65 -10.19
CA ARG B 62 -13.48 3.94 -10.68
C ARG B 62 -12.97 5.19 -10.01
N ARG B 63 -11.70 5.18 -9.63
CA ARG B 63 -11.01 6.38 -9.19
C ARG B 63 -10.00 6.75 -10.25
N GLU B 64 -10.12 7.94 -10.82
CA GLU B 64 -9.24 8.35 -11.89
C GLU B 64 -7.90 8.76 -11.30
N VAL B 65 -6.84 8.09 -11.77
CA VAL B 65 -5.49 8.30 -11.27
C VAL B 65 -4.53 8.24 -12.46
N GLU B 66 -3.81 9.35 -12.69
CA GLU B 66 -2.69 9.35 -13.57
C GLU B 66 -1.46 9.61 -12.71
N GLU B 67 -0.48 8.72 -12.80
CA GLU B 67 0.75 8.83 -12.02
C GLU B 67 1.95 8.92 -12.97
N ASN B 68 2.68 10.03 -12.91
CA ASN B 68 3.77 10.29 -13.85
C ASN B 68 3.36 10.06 -15.30
N GLY B 69 2.14 10.50 -15.63
CA GLY B 69 1.62 10.40 -16.98
C GLY B 69 0.94 9.09 -17.32
N ILE B 70 1.12 8.08 -16.47
CA ILE B 70 0.60 6.72 -16.68
C ILE B 70 -0.79 6.56 -16.07
N VAL B 71 -1.76 6.09 -16.85
CA VAL B 71 -3.13 5.99 -16.33
C VAL B 71 -3.27 4.68 -15.57
N LEU B 72 -3.52 4.78 -14.27
CA LEU B 72 -3.65 3.63 -13.36
C LEU B 72 -5.06 3.29 -12.92
N ASP B 73 -5.95 4.29 -12.98
CA ASP B 73 -7.38 4.16 -12.66
C ASP B 73 -7.83 2.88 -11.90
N PRO B 74 -7.62 2.85 -10.58
CA PRO B 74 -8.21 1.76 -9.77
C PRO B 74 -9.69 1.53 -10.03
N LEU B 75 -10.04 0.26 -10.21
CA LEU B 75 -11.40 -0.16 -10.50
C LEU B 75 -11.89 -1.07 -9.38
N LYS B 76 -13.12 -0.86 -8.92
CA LYS B 76 -13.71 -1.77 -7.93
C LYS B 76 -15.16 -1.99 -8.30
N ALA B 77 -15.62 -3.24 -8.29
CA ALA B 77 -17.00 -3.53 -8.63
C ALA B 77 -17.60 -4.45 -7.59
N THR B 78 -18.89 -4.31 -7.39
CA THR B 78 -19.64 -5.23 -6.54
C THR B 78 -20.78 -5.83 -7.37
N HIS B 79 -21.15 -7.06 -7.04
CA HIS B 79 -22.28 -7.71 -7.70
C HIS B 79 -22.88 -8.71 -6.74
N ALA B 80 -24.14 -9.03 -6.95
CA ALA B 80 -24.82 -10.06 -6.18
C ALA B 80 -25.49 -10.98 -7.19
N VAL B 81 -25.10 -12.25 -7.20
CA VAL B 81 -25.50 -13.18 -8.25
C VAL B 81 -26.30 -14.32 -7.65
N LYS B 82 -27.58 -14.40 -8.01
CA LYS B 82 -28.46 -15.47 -7.53
C LYS B 82 -28.08 -16.85 -8.09
N GLY B 83 -28.18 -17.89 -7.24
CA GLY B 83 -28.17 -19.26 -7.72
C GLY B 83 -26.82 -19.91 -7.85
N VAL B 84 -25.78 -19.24 -7.34
CA VAL B 84 -24.40 -19.76 -7.40
C VAL B 84 -23.68 -19.49 -6.08
N THR B 85 -22.65 -20.30 -5.78
CA THR B 85 -21.87 -20.09 -4.55
C THR B 85 -20.56 -19.40 -4.87
N GLY B 86 -19.91 -18.87 -3.84
CA GLY B 86 -18.55 -18.32 -4.02
C GLY B 86 -17.52 -19.31 -4.54
N HIS B 87 -17.63 -20.57 -4.10
CA HIS B 87 -16.72 -21.60 -4.56
C HIS B 87 -16.88 -21.78 -6.08
N GLU B 88 -18.13 -21.87 -6.52
CA GLU B 88 -18.44 -21.98 -7.95
C GLU B 88 -17.93 -20.78 -8.74
N VAL B 89 -18.23 -19.56 -8.29
CA VAL B 89 -17.81 -18.37 -9.03
C VAL B 89 -16.28 -18.32 -9.12
N CYS B 90 -15.59 -18.60 -8.02
CA CYS B 90 -14.15 -18.58 -8.04
C CYS B 90 -13.55 -19.66 -8.93
N ASN B 91 -14.09 -20.87 -8.87
CA ASN B 91 -13.66 -21.94 -9.76
C ASN B 91 -13.76 -21.54 -11.23
N TYR B 92 -14.88 -20.96 -11.61
CA TYR B 92 -15.12 -20.56 -13.01
C TYR B 92 -14.22 -19.41 -13.44
N PHE B 93 -13.92 -18.50 -12.52
CA PHE B 93 -13.01 -17.38 -12.84
C PHE B 93 -11.58 -17.88 -13.01
N TRP B 94 -11.20 -18.85 -12.19
CA TRP B 94 -9.83 -19.38 -12.20
C TRP B 94 -9.56 -20.43 -13.27
N ASN B 95 -10.56 -21.24 -13.59
CA ASN B 95 -10.36 -22.44 -14.41
C ASN B 95 -10.07 -22.09 -15.86
N VAL B 96 -8.82 -22.30 -16.29
CA VAL B 96 -8.41 -21.98 -17.68
C VAL B 96 -9.27 -22.69 -18.74
N ASP B 97 -9.83 -23.83 -18.37
CA ASP B 97 -10.56 -24.66 -19.33
C ASP B 97 -11.78 -23.96 -19.92
N VAL B 98 -12.37 -23.04 -19.15
CA VAL B 98 -13.56 -22.33 -19.60
C VAL B 98 -13.30 -20.84 -19.94
N ARG B 99 -12.04 -20.44 -19.86
CA ARG B 99 -11.64 -19.04 -20.02
C ARG B 99 -12.20 -18.45 -21.32
N ASN B 100 -12.02 -19.18 -22.43
CA ASN B 100 -12.39 -18.63 -23.72
C ASN B 100 -13.90 -18.61 -23.95
N ASP B 101 -14.66 -19.25 -23.05
CA ASP B 101 -16.15 -19.18 -23.10
C ASP B 101 -16.72 -17.86 -22.59
N TRP B 102 -15.98 -17.14 -21.75
CA TRP B 102 -16.46 -15.85 -21.25
C TRP B 102 -15.55 -14.66 -21.55
N GLU B 103 -14.23 -14.89 -21.62
CA GLU B 103 -13.26 -13.79 -21.81
C GLU B 103 -13.34 -13.30 -23.27
N THR B 104 -13.38 -11.98 -23.48
CA THR B 104 -13.47 -11.40 -24.83
C THR B 104 -12.40 -10.36 -25.14
N THR B 105 -11.46 -10.11 -24.23
CA THR B 105 -10.43 -9.08 -24.46
C THR B 105 -9.07 -9.63 -24.88
N ILE B 106 -8.96 -10.94 -25.09
CA ILE B 106 -7.66 -11.54 -25.38
C ILE B 106 -7.54 -12.08 -26.80
N GLU B 107 -6.33 -12.06 -27.34
CA GLU B 107 -6.05 -12.71 -28.63
C GLU B 107 -5.76 -14.18 -28.37
N ASN B 108 -4.92 -14.46 -27.38
CA ASN B 108 -4.60 -15.83 -27.01
C ASN B 108 -3.98 -15.88 -25.61
N PHE B 109 -4.02 -17.05 -24.98
CA PHE B 109 -3.34 -17.26 -23.71
C PHE B 109 -2.82 -18.67 -23.66
N HIS B 110 -1.84 -18.89 -22.80
CA HIS B 110 -1.44 -20.26 -22.44
C HIS B 110 -0.88 -20.33 -21.03
N VAL B 111 -0.85 -21.54 -20.48
CA VAL B 111 -0.28 -21.75 -19.16
C VAL B 111 1.22 -21.96 -19.30
N VAL B 112 1.97 -21.09 -18.63
CA VAL B 112 3.42 -21.10 -18.66
C VAL B 112 3.95 -22.16 -17.72
N GLU B 113 3.31 -22.29 -16.57
CA GLU B 113 3.77 -23.17 -15.51
C GLU B 113 2.64 -23.49 -14.56
N THR B 114 2.54 -24.74 -14.13
CA THR B 114 1.66 -25.11 -13.04
C THR B 114 2.50 -25.21 -11.77
N LEU B 115 2.19 -24.36 -10.77
CA LEU B 115 2.93 -24.30 -9.50
C LEU B 115 2.37 -25.24 -8.45
N ALA B 116 1.05 -25.43 -8.49
CA ALA B 116 0.29 -26.28 -7.56
C ALA B 116 -1.12 -26.49 -8.10
N ASP B 117 -1.90 -27.28 -7.39
CA ASP B 117 -3.28 -27.55 -7.79
C ASP B 117 -4.16 -26.30 -7.81
N ASN B 118 -3.68 -25.23 -7.17
CA ASN B 118 -4.45 -23.99 -7.07
C ASN B 118 -3.69 -22.77 -7.57
N ALA B 119 -2.54 -22.97 -8.21
CA ALA B 119 -1.71 -21.83 -8.68
C ALA B 119 -1.02 -22.09 -10.00
N ILE B 120 -1.21 -21.20 -10.96
CA ILE B 120 -0.61 -21.36 -12.29
C ILE B 120 -0.03 -20.01 -12.72
N ILE B 121 0.87 -20.03 -13.69
CA ILE B 121 1.35 -18.80 -14.33
C ILE B 121 0.81 -18.79 -15.75
N ILE B 122 0.18 -17.67 -16.14
CA ILE B 122 -0.45 -17.55 -17.45
C ILE B 122 0.21 -16.42 -18.20
N TYR B 123 0.44 -16.64 -19.49
CA TYR B 123 0.81 -15.57 -20.43
C TYR B 123 -0.36 -15.29 -21.37
N GLN B 124 -0.67 -14.03 -21.62
CA GLN B 124 -1.73 -13.72 -22.59
C GLN B 124 -1.45 -12.43 -23.32
N THR B 125 -1.96 -12.39 -24.55
CA THR B 125 -1.87 -11.20 -25.39
C THR B 125 -3.27 -10.66 -25.49
N HIS B 126 -3.39 -9.33 -25.38
CA HIS B 126 -4.70 -8.74 -25.45
C HIS B 126 -4.97 -8.20 -26.84
N LYS B 127 -6.25 -8.05 -27.16
CA LYS B 127 -6.61 -7.39 -28.42
C LYS B 127 -6.00 -5.98 -28.43
N ARG B 128 -5.47 -5.57 -29.59
CA ARG B 128 -4.86 -4.27 -29.72
C ARG B 128 -5.94 -3.18 -29.79
N VAL B 129 -5.70 -2.08 -29.09
CA VAL B 129 -6.60 -0.92 -29.14
C VAL B 129 -5.81 0.26 -29.67
N TRP B 130 -6.14 0.64 -30.90
CA TRP B 130 -5.52 1.78 -31.57
C TRP B 130 -5.70 3.06 -30.73
N PRO B 131 -4.68 3.95 -30.69
CA PRO B 131 -3.37 3.93 -31.35
C PRO B 131 -2.25 3.29 -30.55
N ALA B 132 -2.55 2.77 -29.37
CA ALA B 132 -1.52 2.23 -28.48
C ALA B 132 -1.00 0.90 -28.97
N SER B 133 0.21 0.54 -28.55
CA SER B 133 0.79 -0.76 -28.85
C SER B 133 -0.06 -1.87 -28.19
N GLN B 134 -0.07 -3.04 -28.80
CA GLN B 134 -0.69 -4.20 -28.20
C GLN B 134 -0.08 -4.49 -26.82
N ARG B 135 -0.93 -4.90 -25.86
CA ARG B 135 -0.43 -5.27 -24.55
C ARG B 135 -0.39 -6.78 -24.39
N ASP B 136 0.62 -7.23 -23.66
CA ASP B 136 0.63 -8.59 -23.12
C ASP B 136 0.77 -8.56 -21.60
N VAL B 137 0.57 -9.70 -20.95
CA VAL B 137 0.59 -9.75 -19.49
C VAL B 137 1.02 -11.13 -19.10
N LEU B 138 1.73 -11.21 -17.99
CA LEU B 138 2.27 -12.48 -17.50
C LEU B 138 2.00 -12.46 -16.00
N TYR B 139 1.13 -13.37 -15.55
CA TYR B 139 0.66 -13.31 -14.17
C TYR B 139 0.48 -14.67 -13.51
N LEU B 140 0.67 -14.67 -12.19
CA LEU B 140 0.34 -15.79 -11.36
C LEU B 140 -1.15 -15.70 -11.01
N SER B 141 -1.86 -16.79 -11.18
CA SER B 141 -3.26 -16.86 -10.87
C SER B 141 -3.46 -17.96 -9.83
N VAL B 142 -3.97 -17.53 -8.68
CA VAL B 142 -4.15 -18.42 -7.52
C VAL B 142 -5.57 -18.37 -6.96
N ILE B 143 -6.10 -19.54 -6.59
CA ILE B 143 -7.41 -19.60 -5.97
C ILE B 143 -7.25 -20.10 -4.54
N ARG B 144 -7.88 -19.40 -3.60
CA ARG B 144 -7.69 -19.73 -2.17
C ARG B 144 -9.01 -19.69 -1.40
N LYS B 145 -9.19 -20.66 -0.50
CA LYS B 145 -10.32 -20.63 0.42
C LYS B 145 -9.83 -19.99 1.72
N ILE B 146 -10.60 -18.99 2.17
CA ILE B 146 -10.37 -18.29 3.44
C ILE B 146 -11.44 -18.72 4.46
N PRO B 147 -11.08 -19.61 5.39
CA PRO B 147 -12.07 -20.11 6.36
C PRO B 147 -12.62 -19.02 7.26
N ALA B 148 -13.87 -19.18 7.72
CA ALA B 148 -14.43 -18.30 8.75
C ALA B 148 -13.81 -18.68 10.10
N LEU B 149 -14.15 -17.93 11.16
CA LEU B 149 -13.76 -18.28 12.54
C LEU B 149 -14.06 -19.73 12.91
N THR B 150 -15.33 -20.12 12.73
CA THR B 150 -15.70 -21.53 12.83
C THR B 150 -16.60 -21.88 11.66
N GLU B 151 -16.93 -23.17 11.56
CA GLU B 151 -17.69 -23.66 10.43
C GLU B 151 -19.18 -23.32 10.51
N ASN B 152 -19.56 -22.55 11.53
CA ASN B 152 -20.91 -22.02 11.71
C ASN B 152 -21.20 -20.94 10.66
N ASP B 153 -20.14 -20.28 10.20
CA ASP B 153 -20.21 -19.22 9.19
C ASP B 153 -19.57 -19.66 7.87
N PRO B 154 -20.02 -19.08 6.73
CA PRO B 154 -19.42 -19.41 5.45
C PRO B 154 -17.97 -18.92 5.26
N GLU B 155 -17.18 -19.72 4.55
CA GLU B 155 -15.84 -19.33 4.11
C GLU B 155 -15.95 -18.34 2.96
N THR B 156 -14.89 -17.57 2.77
CA THR B 156 -14.76 -16.70 1.62
C THR B 156 -13.82 -17.37 0.60
N TRP B 157 -14.01 -17.09 -0.68
CA TRP B 157 -13.11 -17.59 -1.70
C TRP B 157 -12.52 -16.38 -2.39
N ILE B 158 -11.26 -16.51 -2.77
CA ILE B 158 -10.60 -15.45 -3.52
C ILE B 158 -9.77 -15.99 -4.68
N VAL B 159 -9.82 -15.29 -5.81
CA VAL B 159 -8.88 -15.55 -6.89
C VAL B 159 -8.04 -14.29 -7.03
N CYS B 160 -6.71 -14.43 -6.95
CA CYS B 160 -5.82 -13.29 -7.16
C CYS B 160 -4.97 -13.54 -8.41
N ASN B 161 -4.94 -12.55 -9.31
CA ASN B 161 -4.11 -12.58 -10.51
C ASN B 161 -3.11 -11.44 -10.40
N PHE B 162 -1.81 -11.74 -10.29
CA PHE B 162 -0.83 -10.62 -10.18
C PHE B 162 0.40 -10.89 -11.03
N SER B 163 0.95 -9.84 -11.63
CA SER B 163 2.09 -9.99 -12.52
C SER B 163 3.31 -10.54 -11.81
N VAL B 164 3.94 -11.49 -12.49
CA VAL B 164 5.24 -12.02 -12.08
C VAL B 164 6.18 -12.11 -13.28
N ASP B 165 7.47 -12.35 -13.03
CA ASP B 165 8.43 -12.60 -14.11
C ASP B 165 8.62 -14.11 -14.29
N HIS B 166 8.84 -14.53 -15.53
CA HIS B 166 9.18 -15.92 -15.87
C HIS B 166 10.12 -15.95 -17.08
N ASP B 167 11.20 -16.74 -17.00
CA ASP B 167 12.17 -16.85 -18.09
C ASP B 167 11.61 -17.34 -19.42
N SER B 168 10.53 -18.13 -19.38
CA SER B 168 9.90 -18.62 -20.60
C SER B 168 9.05 -17.56 -21.29
N ALA B 169 8.78 -16.46 -20.59
CA ALA B 169 7.98 -15.37 -21.18
C ALA B 169 8.69 -14.02 -20.99
N PRO B 170 9.80 -13.82 -21.72
CA PRO B 170 10.57 -12.58 -21.59
C PRO B 170 9.81 -11.43 -22.23
N LEU B 171 10.25 -10.20 -21.95
CA LEU B 171 9.73 -9.05 -22.67
C LEU B 171 9.99 -9.24 -24.15
N ASN B 172 9.06 -8.80 -24.98
CA ASN B 172 9.30 -8.82 -26.42
C ASN B 172 9.10 -7.44 -27.04
N ASN B 173 9.57 -7.29 -28.27
CA ASN B 173 9.61 -5.97 -28.91
C ASN B 173 8.30 -5.53 -29.57
N ARG B 174 7.33 -6.44 -29.62
CA ARG B 174 6.08 -6.18 -30.33
C ARG B 174 4.92 -5.80 -29.39
N CYS B 175 5.01 -6.19 -28.12
CA CYS B 175 3.97 -5.87 -27.12
C CYS B 175 4.55 -5.06 -25.98
N VAL B 176 3.71 -4.24 -25.37
CA VAL B 176 4.06 -3.59 -24.15
C VAL B 176 3.51 -4.43 -23.02
N ARG B 177 4.35 -4.72 -22.02
CA ARG B 177 4.02 -5.62 -20.92
C ARG B 177 3.28 -4.83 -19.83
N ALA B 178 1.97 -5.04 -19.75
CA ALA B 178 1.17 -4.49 -18.66
C ALA B 178 1.50 -5.18 -17.35
N LYS B 179 1.25 -4.49 -16.24
CA LYS B 179 1.42 -5.07 -14.90
C LYS B 179 0.11 -4.99 -14.16
N ILE B 180 -0.35 -6.13 -13.66
CA ILE B 180 -1.69 -6.19 -13.06
C ILE B 180 -1.71 -6.71 -11.63
N ASN B 181 -2.72 -6.27 -10.89
CA ASN B 181 -3.10 -6.88 -9.61
C ASN B 181 -4.60 -6.85 -9.59
N VAL B 182 -5.18 -8.05 -9.78
CA VAL B 182 -6.63 -8.22 -9.86
C VAL B 182 -7.06 -9.25 -8.84
N ALA B 183 -8.23 -9.06 -8.24
CA ALA B 183 -8.80 -10.08 -7.33
C ALA B 183 -10.30 -10.11 -7.43
N MET B 184 -10.85 -11.32 -7.34
CA MET B 184 -12.27 -11.53 -7.19
C MET B 184 -12.49 -12.22 -5.86
N ILE B 185 -13.29 -11.60 -5.00
CA ILE B 185 -13.55 -12.11 -3.65
C ILE B 185 -15.02 -12.40 -3.55
N CYS B 186 -15.35 -13.65 -3.18
CA CYS B 186 -16.73 -14.11 -3.25
C CYS B 186 -17.20 -14.62 -1.90
N GLN B 187 -18.29 -14.04 -1.42
CA GLN B 187 -18.95 -14.50 -0.21
C GLN B 187 -20.25 -15.21 -0.62
N THR B 188 -20.71 -16.12 0.23
CA THR B 188 -21.88 -16.92 -0.09
C THR B 188 -22.92 -16.75 1.00
N LEU B 189 -24.17 -16.48 0.60
CA LEU B 189 -25.29 -16.31 1.52
C LEU B 189 -26.35 -17.37 1.22
N VAL B 190 -26.75 -18.12 2.25
CA VAL B 190 -27.74 -19.18 2.08
C VAL B 190 -28.97 -18.85 2.92
N SER B 191 -30.11 -18.70 2.26
CA SER B 191 -31.38 -18.50 2.96
C SER B 191 -31.94 -19.83 3.45
N GLU B 198 -33.52 -30.09 1.53
CA GLU B 198 -32.47 -29.75 0.56
C GLU B 198 -32.45 -28.25 0.23
N ILE B 199 -31.25 -27.68 0.22
CA ILE B 199 -31.06 -26.31 -0.24
C ILE B 199 -31.13 -26.29 -1.77
N SER B 200 -31.94 -25.38 -2.31
CA SER B 200 -31.99 -25.21 -3.75
C SER B 200 -31.24 -23.94 -4.16
N ARG B 201 -30.88 -23.84 -5.44
CA ARG B 201 -30.21 -22.63 -5.92
C ARG B 201 -31.03 -21.36 -5.70
N ASP B 202 -32.35 -21.50 -5.59
CA ASP B 202 -33.22 -20.38 -5.25
C ASP B 202 -32.91 -19.80 -3.87
N ASN B 203 -32.28 -20.60 -3.01
CA ASN B 203 -31.93 -20.19 -1.65
C ASN B 203 -30.52 -19.60 -1.50
N ILE B 204 -29.77 -19.53 -2.60
CA ILE B 204 -28.35 -19.13 -2.53
C ILE B 204 -28.06 -17.82 -3.28
N LEU B 205 -27.14 -17.03 -2.73
CA LEU B 205 -26.68 -15.77 -3.33
C LEU B 205 -25.16 -15.69 -3.21
N CYS B 206 -24.49 -15.21 -4.25
CA CYS B 206 -23.05 -14.96 -4.16
C CYS B 206 -22.78 -13.46 -4.21
N LYS B 207 -22.10 -12.95 -3.20
CA LYS B 207 -21.70 -11.54 -3.20
C LYS B 207 -20.26 -11.41 -3.66
N ILE B 208 -20.07 -10.71 -4.78
CA ILE B 208 -18.77 -10.60 -5.44
C ILE B 208 -18.21 -9.18 -5.23
N THR B 209 -16.93 -9.13 -4.87
CA THR B 209 -16.15 -7.90 -4.92
C THR B 209 -15.00 -8.11 -5.90
N TYR B 210 -14.91 -7.26 -6.92
CA TYR B 210 -13.88 -7.41 -7.93
C TYR B 210 -13.05 -6.14 -7.94
N VAL B 211 -11.72 -6.30 -7.84
CA VAL B 211 -10.82 -5.14 -7.90
C VAL B 211 -9.81 -5.34 -9.01
N ALA B 212 -9.49 -4.28 -9.76
CA ALA B 212 -8.50 -4.36 -10.81
C ALA B 212 -7.63 -3.12 -10.75
N ASN B 213 -6.34 -3.34 -10.56
CA ASN B 213 -5.37 -2.28 -10.58
C ASN B 213 -4.39 -2.64 -11.68
N VAL B 214 -4.58 -1.98 -12.82
CA VAL B 214 -3.84 -2.28 -14.04
C VAL B 214 -2.93 -1.11 -14.39
N ASN B 215 -1.65 -1.42 -14.50
CA ASN B 215 -0.68 -0.49 -15.05
C ASN B 215 -0.46 -0.86 -16.52
N PRO B 216 -0.84 0.04 -17.46
CA PRO B 216 -0.73 -0.32 -18.88
C PRO B 216 0.70 -0.58 -19.36
N GLY B 217 1.70 -0.23 -18.55
CA GLY B 217 3.09 -0.58 -18.87
C GLY B 217 3.86 0.43 -19.66
N GLY B 218 3.21 1.56 -19.92
CA GLY B 218 3.80 2.65 -20.64
C GLY B 218 2.68 3.59 -21.05
N TRP B 219 3.03 4.52 -21.94
CA TRP B 219 2.11 5.53 -22.43
C TRP B 219 0.87 4.91 -23.06
N ALA B 220 -0.27 5.50 -22.73
CA ALA B 220 -1.49 5.21 -23.47
C ALA B 220 -2.37 6.45 -23.38
N PRO B 221 -3.08 6.79 -24.47
CA PRO B 221 -3.93 7.98 -24.40
C PRO B 221 -5.09 7.80 -23.43
N ALA B 222 -5.21 8.73 -22.47
CA ALA B 222 -6.14 8.57 -21.37
C ALA B 222 -7.58 8.43 -21.84
N SER B 223 -8.01 9.29 -22.76
CA SER B 223 -9.42 9.26 -23.16
C SER B 223 -9.82 7.92 -23.80
N VAL B 224 -8.91 7.36 -24.60
CA VAL B 224 -9.15 6.08 -25.30
C VAL B 224 -9.20 4.96 -24.23
N LEU B 225 -8.19 4.91 -23.37
CA LEU B 225 -8.14 3.90 -22.28
C LEU B 225 -9.36 3.91 -21.38
N ARG B 226 -9.79 5.10 -20.97
CA ARG B 226 -10.89 5.20 -20.04
C ARG B 226 -12.23 4.81 -20.68
N ALA B 227 -12.39 5.11 -21.96
CA ALA B 227 -13.62 4.69 -22.64
C ALA B 227 -13.68 3.17 -22.78
N VAL B 228 -12.53 2.56 -23.08
CA VAL B 228 -12.44 1.10 -23.19
C VAL B 228 -12.75 0.46 -21.84
N ALA B 229 -12.12 0.94 -20.77
CA ALA B 229 -12.43 0.41 -19.43
C ALA B 229 -13.90 0.54 -19.04
N LYS B 230 -14.50 1.72 -19.30
CA LYS B 230 -15.90 1.93 -18.93
C LYS B 230 -16.81 0.93 -19.63
N ARG B 231 -16.44 0.56 -20.86
CA ARG B 231 -17.20 -0.42 -21.64
C ARG B 231 -16.90 -1.86 -21.22
N GLU B 232 -15.63 -2.18 -21.07
CA GLU B 232 -15.21 -3.59 -20.94
C GLU B 232 -15.42 -4.18 -19.56
N TYR B 233 -15.22 -3.40 -18.51
CA TYR B 233 -15.42 -3.99 -17.18
C TYR B 233 -16.87 -4.45 -16.90
N PRO B 234 -17.89 -3.58 -17.11
CA PRO B 234 -19.26 -4.09 -16.90
C PRO B 234 -19.66 -5.20 -17.86
N LYS B 235 -19.19 -5.13 -19.10
CA LYS B 235 -19.46 -6.19 -20.07
C LYS B 235 -18.93 -7.53 -19.59
N PHE B 236 -17.71 -7.52 -19.08
CA PHE B 236 -17.11 -8.72 -18.49
C PHE B 236 -17.92 -9.22 -17.30
N LEU B 237 -18.26 -8.32 -16.38
CA LEU B 237 -18.93 -8.75 -15.15
C LEU B 237 -20.27 -9.40 -15.49
N LYS B 238 -20.98 -8.79 -16.43
CA LYS B 238 -22.27 -9.34 -16.83
C LYS B 238 -22.13 -10.69 -17.54
N ARG B 239 -21.17 -10.78 -18.46
CA ARG B 239 -20.99 -12.00 -19.27
C ARG B 239 -20.50 -13.14 -18.38
N PHE B 240 -19.50 -12.83 -17.56
CA PHE B 240 -18.95 -13.87 -16.70
C PHE B 240 -19.97 -14.41 -15.69
N THR B 241 -20.67 -13.54 -14.98
CA THR B 241 -21.61 -14.01 -13.95
C THR B 241 -22.77 -14.76 -14.60
N SER B 242 -23.22 -14.29 -15.76
CA SER B 242 -24.32 -14.99 -16.45
C SER B 242 -23.87 -16.36 -16.90
N TYR B 243 -22.61 -16.48 -17.32
CA TYR B 243 -22.04 -17.73 -17.74
C TYR B 243 -22.03 -18.72 -16.58
N VAL B 244 -21.59 -18.29 -15.41
CA VAL B 244 -21.61 -19.17 -14.24
C VAL B 244 -23.03 -19.65 -13.90
N GLN B 245 -23.99 -18.72 -13.95
CA GLN B 245 -25.40 -19.06 -13.70
C GLN B 245 -25.87 -20.10 -14.71
N GLU B 246 -25.60 -19.87 -15.99
CA GLU B 246 -26.06 -20.80 -17.03
C GLU B 246 -25.47 -22.21 -16.85
N LYS B 247 -24.19 -22.29 -16.52
CA LYS B 247 -23.47 -23.56 -16.51
C LYS B 247 -23.73 -24.39 -15.26
N THR B 248 -24.12 -23.72 -14.18
CA THR B 248 -24.41 -24.41 -12.92
C THR B 248 -25.88 -24.80 -12.77
N ALA B 249 -26.76 -24.19 -13.57
CA ALA B 249 -28.20 -24.43 -13.47
C ALA B 249 -28.49 -25.92 -13.58
N GLY B 250 -29.28 -26.43 -12.63
CA GLY B 250 -29.67 -27.84 -12.63
C GLY B 250 -28.59 -28.81 -12.19
N LYS B 251 -27.44 -28.28 -11.79
CA LYS B 251 -26.31 -29.11 -11.35
C LYS B 251 -26.23 -29.09 -9.82
N PRO B 252 -25.67 -30.17 -9.22
CA PRO B 252 -25.53 -30.17 -7.77
C PRO B 252 -24.67 -28.99 -7.30
N ILE B 253 -25.00 -28.44 -6.13
CA ILE B 253 -24.31 -27.24 -5.63
C ILE B 253 -22.97 -27.57 -5.00
N LEU B 254 -21.92 -26.90 -5.48
CA LEU B 254 -20.61 -27.02 -4.87
C LEU B 254 -20.42 -25.87 -3.90
N PHE B 255 -20.45 -26.19 -2.62
CA PHE B 255 -20.19 -25.17 -1.60
C PHE B 255 -18.70 -25.03 -1.37
O19 18C C . 9.86 14.09 10.37
C19 18C C . 10.08 15.23 10.75
N2 18C C . 9.46 15.83 11.77
C2 18C C . 8.37 15.25 12.57
C1 18C C . 8.09 16.17 13.76
O1 18C C . 7.65 17.45 13.27
C3 18C C . 7.09 14.96 11.78
C4 18C C . 6.94 16.00 10.67
C5 18C C . 6.81 15.71 9.37
C6 18C C . 6.72 16.89 8.41
C7 18C C . 5.44 16.91 7.60
C8 18C C . 5.58 17.81 6.39
C9 18C C . 4.37 18.73 6.23
C10 18C C . 4.49 19.74 5.09
C11 18C C . 5.77 20.58 5.19
C12 18C C . 5.52 22.08 4.99
C13 18C C . 6.72 22.81 4.40
C14 18C C . 7.84 23.07 5.41
C15 18C C . 8.47 24.43 5.21
C16 18C C . 9.98 24.41 5.41
C17 18C C . 10.64 25.65 4.76
C18 18C C . 11.72 26.24 5.65
O3 18C C . 7.20 13.62 11.28
C20 18C C . 11.09 16.12 10.04
C21 18C C . 10.60 16.33 8.60
C22 18C C . 11.23 17.51 7.86
C23 18C C . 10.36 17.81 6.64
C24 18C C . 10.94 18.89 5.75
C25 18C C . 10.65 18.61 4.27
C26 18C C . 9.38 19.29 3.79
C27 18C C . 8.54 18.37 2.91
C28 18C C . 8.11 19.08 1.64
C29 18C C . 6.60 19.00 1.39
C30 18C C . 6.08 20.34 0.88
C31 18C C . 4.75 20.74 1.48
C32 18C C . 4.00 21.72 0.58
C33 18C C . 4.25 23.17 0.99
C34 18C C . 4.25 24.11 -0.22
C35 18C C . 5.34 23.78 -1.23
C36 18C C . 5.34 24.78 -2.38
O19 18C D . -10.10 -9.91 -14.77
C19 18C D . -10.36 -10.24 -15.91
N2 18C D . -9.71 -11.19 -16.60
C2 18C D . -8.75 -12.15 -16.06
C1 18C D . -8.57 -13.29 -17.07
O1 18C D . -8.07 -12.78 -18.33
C3 18C D . -7.41 -11.52 -15.64
C4 18C D . -6.88 -10.54 -16.68
C5 18C D . -6.83 -9.21 -16.53
C6 18C D . -6.24 -8.43 -17.70
C7 18C D . -6.13 -6.93 -17.41
C8 18C D . -5.97 -6.14 -18.70
C9 18C D . -4.54 -5.62 -18.89
C10 18C D . -4.16 -5.49 -20.37
C11 18C D . -4.70 -4.23 -21.04
C12 18C D . -5.16 -4.54 -22.47
C13 18C D . -6.48 -3.87 -22.84
C14 18C D . -7.56 -4.88 -23.22
C15 18C D . -7.93 -4.76 -24.70
C16 18C D . -9.36 -4.27 -24.87
C17 18C D . -10.21 -5.30 -25.60
C18 18C D . -10.79 -4.77 -26.88
O3 18C D . -7.55 -10.90 -14.36
C20 18C D . -11.46 -9.55 -16.68
C21 18C D . -10.84 -8.39 -17.45
C22 18C D . -11.81 -7.22 -17.58
C23 18C D . -11.63 -6.43 -18.88
C24 18C D . -10.28 -5.74 -19.00
C25 18C D . -10.41 -4.37 -19.67
C26 18C D . -9.23 -3.50 -19.30
C27 18C D . -9.46 -2.02 -19.63
C28 18C D . -8.64 -1.60 -20.85
C29 18C D . -7.69 -0.44 -20.52
C30 18C D . -6.67 -0.25 -21.64
C31 18C D . -5.27 -0.69 -21.19
C32 18C D . -4.15 -0.42 -22.22
C33 18C D . -4.54 -0.69 -23.67
C34 18C D . -4.19 0.48 -24.59
C35 18C D . -5.03 1.72 -24.30
C36 18C D . -5.54 2.38 -25.56
#